data_7T50
#
_entry.id   7T50
#
_cell.length_a   45.627
_cell.length_b   41.223
_cell.length_c   111.366
_cell.angle_alpha   90.000
_cell.angle_beta   92.758
_cell.angle_gamma   90.000
#
_symmetry.space_group_name_H-M   'P 1 21 1'
#
loop_
_entity.id
_entity.type
_entity.pdbx_description
1 polymer 'Molybdate-binding periplasmic protein ModA'
2 non-polymer Chromate
3 non-polymer 'AMMONIUM ION'
4 non-polymer GLYCEROL
5 water water
#
_entity_poly.entity_id   1
_entity_poly.type   'polypeptide(L)'
_entity_poly.pdbx_seq_one_letter_code
;SNADEVQVAVAANFTAPIQAIAKEFEKDTGHRLVAAYGATGQFYTQIKNGAPFQVFLSADDSTPAKLEQEGEVVPGSRFT
YAIGTLALWSPKAGYVDAEGEVLKSGSFRHLSIANPKTAPYGLAATQAMDKLGLAATLGPKLVEGQNISQAYQFVSSGNA
ELGFVALSQIYKDGKVATGSAWIVPTELHDPIRQDAVILNKGKDNAAAKALVDYLKGAKAAALIKSYGYEL
;
_entity_poly.pdbx_strand_id   A,B
#
loop_
_chem_comp.id
_chem_comp.type
_chem_comp.name
_chem_comp.formula
CQ4 non-polymer Chromate 'Cr O4 -2'
GOL non-polymer GLYCEROL 'C3 H8 O3'
NH4 non-polymer 'AMMONIUM ION' 'H4 N 1'
#
# COMPACT_ATOMS: atom_id res chain seq x y z
N GLU A 5 -15.09 15.66 -3.81
CA GLU A 5 -15.56 16.59 -2.76
C GLU A 5 -14.37 17.37 -2.20
N VAL A 6 -13.12 17.18 -2.69
CA VAL A 6 -11.89 17.86 -2.15
C VAL A 6 -11.23 18.74 -3.23
N GLN A 7 -11.22 20.06 -3.08
CA GLN A 7 -10.54 20.97 -3.98
C GLN A 7 -9.09 21.07 -3.56
N VAL A 8 -8.18 20.70 -4.46
CA VAL A 8 -6.76 20.61 -4.14
C VAL A 8 -5.99 21.52 -5.09
N ALA A 9 -5.16 22.37 -4.52
CA ALA A 9 -4.18 23.15 -5.27
C ALA A 9 -2.88 22.36 -5.34
N VAL A 10 -2.41 22.09 -6.55
CA VAL A 10 -1.32 21.14 -6.78
C VAL A 10 -0.21 21.81 -7.56
N ALA A 11 0.97 21.91 -6.96
CA ALA A 11 2.13 22.39 -7.68
C ALA A 11 2.31 21.61 -8.99
N ALA A 12 2.70 22.34 -10.03
CA ALA A 12 2.70 21.77 -11.38
C ALA A 12 3.59 20.54 -11.51
N ASN A 13 4.69 20.46 -10.74
CA ASN A 13 5.54 19.27 -10.84
C ASN A 13 4.74 18.01 -10.52
N PHE A 14 3.69 18.15 -9.72
CA PHE A 14 2.93 17.03 -9.20
C PHE A 14 1.65 16.81 -10.00
N THR A 15 1.57 17.39 -11.19
CA THR A 15 0.38 17.26 -12.03
C THR A 15 0.06 15.80 -12.36
N ALA A 16 0.94 15.14 -13.10
CA ALA A 16 0.70 13.74 -13.45
C ALA A 16 0.58 12.85 -12.22
N PRO A 17 1.42 12.98 -11.20
CA PRO A 17 1.24 12.16 -10.00
C PRO A 17 -0.14 12.27 -9.38
N ILE A 18 -0.70 13.47 -9.26
CA ILE A 18 -1.98 13.57 -8.58
C ILE A 18 -3.12 13.10 -9.49
N GLN A 19 -2.98 13.23 -10.80
CA GLN A 19 -4.00 12.68 -11.72
C GLN A 19 -4.10 11.17 -11.48
N ALA A 20 -2.98 10.52 -11.18
CA ALA A 20 -2.89 9.07 -11.01
C ALA A 20 -3.42 8.71 -9.62
N ILE A 21 -2.99 9.44 -8.60
CA ILE A 21 -3.46 9.24 -7.20
C ILE A 21 -4.97 9.52 -7.17
N ALA A 22 -5.48 10.50 -7.93
CA ALA A 22 -6.89 10.83 -7.93
C ALA A 22 -7.75 9.67 -8.40
N LYS A 23 -7.25 8.87 -9.35
CA LYS A 23 -8.03 7.76 -9.87
C LYS A 23 -8.20 6.67 -8.82
N GLU A 24 -7.12 6.32 -8.12
CA GLU A 24 -7.21 5.33 -7.06
C GLU A 24 -7.93 5.89 -5.84
N PHE A 25 -7.74 7.18 -5.56
CA PHE A 25 -8.39 7.81 -4.42
C PHE A 25 -9.91 7.81 -4.58
N GLU A 26 -10.41 8.12 -5.78
CA GLU A 26 -11.85 8.13 -6.01
C GLU A 26 -12.43 6.74 -5.83
N LYS A 27 -11.78 5.75 -6.42
CA LYS A 27 -12.28 4.35 -6.38
C LYS A 27 -12.21 3.87 -4.93
N ASP A 28 -11.14 4.20 -4.23
CA ASP A 28 -10.92 3.61 -2.90
C ASP A 28 -11.80 4.25 -1.84
N THR A 29 -11.94 5.58 -1.87
CA THR A 29 -12.64 6.31 -0.83
C THR A 29 -14.00 6.82 -1.28
N GLY A 30 -14.23 6.95 -2.58
CA GLY A 30 -15.45 7.52 -3.10
C GLY A 30 -15.48 9.03 -3.21
N HIS A 31 -14.51 9.74 -2.63
CA HIS A 31 -14.46 11.19 -2.77
C HIS A 31 -13.72 11.53 -4.05
N ARG A 32 -14.21 12.56 -4.76
CA ARG A 32 -13.62 13.04 -6.04
C ARG A 32 -12.55 14.09 -5.73
N LEU A 33 -11.37 13.98 -6.32
CA LEU A 33 -10.27 14.94 -6.19
C LEU A 33 -10.35 15.89 -7.37
N VAL A 34 -10.62 17.15 -7.10
CA VAL A 34 -10.69 18.18 -8.14
C VAL A 34 -9.45 19.06 -7.96
N ALA A 35 -8.55 19.01 -8.94
CA ALA A 35 -7.23 19.59 -8.83
C ALA A 35 -7.06 20.76 -9.79
N ALA A 36 -6.49 21.84 -9.28
CA ALA A 36 -5.93 22.93 -10.09
C ALA A 36 -4.42 22.83 -10.05
N TYR A 37 -3.79 23.21 -11.16
CA TYR A 37 -2.35 23.09 -11.33
C TYR A 37 -1.72 24.45 -11.58
N GLY A 38 -0.53 24.65 -11.03
CA GLY A 38 0.19 25.88 -11.28
C GLY A 38 1.39 26.00 -10.37
N ALA A 39 1.99 27.18 -10.39
CA ALA A 39 3.14 27.44 -9.53
C ALA A 39 2.72 27.56 -8.08
N THR A 40 3.55 27.01 -7.19
CA THR A 40 3.34 27.17 -5.75
C THR A 40 3.03 28.62 -5.39
N GLY A 41 3.87 29.56 -5.86
CA GLY A 41 3.67 30.96 -5.51
C GLY A 41 2.34 31.53 -5.97
N GLN A 42 1.81 31.05 -7.07
CA GLN A 42 0.55 31.58 -7.61
C GLN A 42 -0.57 31.08 -6.69
N PHE A 43 -0.45 29.88 -6.15
CA PHE A 43 -1.48 29.38 -5.25
C PHE A 43 -1.46 30.12 -3.93
N TYR A 44 -0.27 30.53 -3.48
CA TYR A 44 -0.17 31.35 -2.28
C TYR A 44 -1.07 32.56 -2.42
N THR A 45 -1.01 33.23 -3.59
CA THR A 45 -1.84 34.42 -3.79
C THR A 45 -3.32 34.07 -3.85
N GLN A 46 -3.69 33.06 -4.64
CA GLN A 46 -5.08 32.67 -4.76
C GLN A 46 -5.66 32.33 -3.40
N ILE A 47 -4.94 31.52 -2.62
CA ILE A 47 -5.40 31.13 -1.30
C ILE A 47 -5.60 32.35 -0.41
N LYS A 48 -4.64 33.27 -0.45
CA LYS A 48 -4.75 34.50 0.32
C LYS A 48 -5.99 35.28 -0.08
N ASN A 49 -6.44 35.12 -1.32
CA ASN A 49 -7.53 35.90 -1.88
C ASN A 49 -8.89 35.23 -1.80
N GLY A 50 -8.97 34.05 -1.20
CA GLY A 50 -10.25 33.41 -0.98
C GLY A 50 -10.57 32.22 -1.85
N ALA A 51 -9.62 31.72 -2.64
CA ALA A 51 -9.84 30.56 -3.51
C ALA A 51 -10.44 29.42 -2.70
N PRO A 52 -11.26 28.55 -3.32
CA PRO A 52 -11.99 27.55 -2.52
C PRO A 52 -11.18 26.32 -2.13
N PHE A 53 -9.89 26.29 -2.44
CA PHE A 53 -9.07 25.12 -2.18
C PHE A 53 -9.17 24.70 -0.72
N GLN A 54 -9.15 23.40 -0.50
CA GLN A 54 -9.21 22.82 0.84
C GLN A 54 -7.92 22.12 1.23
N VAL A 55 -7.17 21.61 0.26
CA VAL A 55 -5.85 21.04 0.48
C VAL A 55 -4.89 21.76 -0.48
N PHE A 56 -3.63 21.85 -0.07
CA PHE A 56 -2.61 22.53 -0.86
C PHE A 56 -1.37 21.65 -0.87
N LEU A 57 -0.99 21.15 -2.06
CA LEU A 57 0.23 20.39 -2.25
C LEU A 57 1.28 21.32 -2.87
N SER A 58 2.21 21.77 -2.04
CA SER A 58 3.24 22.70 -2.44
C SER A 58 4.43 21.96 -3.02
N ALA A 59 5.25 22.70 -3.78
CA ALA A 59 6.54 22.18 -4.22
C ALA A 59 7.67 22.56 -3.26
N ASP A 60 7.34 23.19 -2.13
CA ASP A 60 8.31 23.55 -1.11
C ASP A 60 7.68 23.31 0.26
N ASP A 61 8.44 23.63 1.31
CA ASP A 61 7.90 23.62 2.67
C ASP A 61 7.72 25.02 3.26
N SER A 62 8.38 26.04 2.70
CA SER A 62 8.30 27.37 3.27
C SER A 62 6.97 28.06 2.95
N THR A 63 6.35 27.76 1.80
CA THR A 63 5.10 28.42 1.46
C THR A 63 3.97 27.95 2.36
N PRO A 64 3.76 26.64 2.57
CA PRO A 64 2.79 26.24 3.62
C PRO A 64 3.12 26.83 4.98
N ALA A 65 4.40 26.90 5.35
CA ALA A 65 4.75 27.46 6.64
C ALA A 65 4.38 28.94 6.69
N LYS A 66 4.61 29.65 5.58
CA LYS A 66 4.24 31.05 5.50
C LYS A 66 2.73 31.23 5.64
N LEU A 67 1.95 30.39 4.96
CA LEU A 67 0.51 30.49 5.05
C LEU A 67 0.03 30.25 6.49
N GLU A 68 0.65 29.30 7.19
CA GLU A 68 0.26 29.06 8.58
C GLU A 68 0.54 30.25 9.47
N GLN A 69 1.68 30.93 9.29
CA GLN A 69 1.95 32.11 10.09
C GLN A 69 0.89 33.18 9.89
N GLU A 70 0.27 33.19 8.72
CA GLU A 70 -0.71 34.19 8.34
C GLU A 70 -2.14 33.69 8.56
N GLY A 71 -2.30 32.53 9.18
CA GLY A 71 -3.58 32.06 9.63
C GLY A 71 -4.43 31.35 8.61
N GLU A 72 -3.86 30.90 7.50
CA GLU A 72 -4.60 30.26 6.43
C GLU A 72 -4.58 28.74 6.50
N VAL A 73 -3.97 28.17 7.54
CA VAL A 73 -3.69 26.76 7.61
C VAL A 73 -4.22 26.18 8.91
N VAL A 74 -4.71 24.96 8.86
CA VAL A 74 -5.07 24.22 10.08
C VAL A 74 -3.80 23.82 10.82
N PRO A 75 -3.55 24.32 12.05
CA PRO A 75 -2.37 23.90 12.80
C PRO A 75 -2.36 22.37 12.96
N GLY A 76 -1.19 21.73 12.86
CA GLY A 76 -1.03 20.30 12.94
C GLY A 76 -1.13 19.58 11.61
N SER A 77 -1.46 20.33 10.56
CA SER A 77 -1.80 19.82 9.24
C SER A 77 -0.62 19.62 8.30
N ARG A 78 0.51 20.29 8.55
CA ARG A 78 1.65 20.29 7.58
C ARG A 78 2.40 18.95 7.61
N PHE A 79 2.63 18.31 6.47
CA PHE A 79 3.52 17.16 6.38
C PHE A 79 4.22 17.15 5.03
N THR A 80 5.34 16.43 4.97
CA THR A 80 6.07 16.25 3.73
C THR A 80 5.52 15.04 2.98
N TYR A 81 5.03 15.26 1.76
CA TYR A 81 4.44 14.19 0.97
C TYR A 81 5.36 13.69 -0.14
N ALA A 82 6.42 14.44 -0.45
CA ALA A 82 7.33 14.03 -1.52
C ALA A 82 8.58 14.89 -1.44
N ILE A 83 9.69 14.34 -1.93
CA ILE A 83 10.95 15.06 -2.08
C ILE A 83 11.37 14.89 -3.52
N GLY A 84 11.48 16.00 -4.25
CA GLY A 84 11.74 15.95 -5.68
C GLY A 84 13.21 16.06 -6.01
N THR A 85 13.49 15.91 -7.31
CA THR A 85 14.84 15.97 -7.85
C THR A 85 14.82 16.84 -9.09
N LEU A 86 15.88 17.60 -9.29
CA LEU A 86 16.04 18.49 -10.44
C LEU A 86 16.92 17.80 -11.47
N ALA A 87 16.54 17.92 -12.74
CA ALA A 87 17.31 17.34 -13.83
C ALA A 87 17.49 18.35 -14.94
N LEU A 88 18.69 18.41 -15.49
CA LEU A 88 18.91 19.11 -16.75
C LEU A 88 18.54 18.17 -17.89
N TRP A 89 17.74 18.66 -18.83
CA TRP A 89 17.12 17.75 -19.78
C TRP A 89 16.96 18.37 -21.16
N SER A 90 17.05 17.51 -22.17
CA SER A 90 16.70 17.81 -23.54
C SER A 90 16.09 16.58 -24.17
N PRO A 91 15.11 16.74 -25.08
CA PRO A 91 14.62 15.57 -25.81
C PRO A 91 15.64 15.00 -26.79
N LYS A 92 16.69 15.76 -27.10
CA LYS A 92 17.75 15.28 -27.98
C LYS A 92 18.72 14.42 -27.18
N ALA A 93 18.83 13.14 -27.53
CA ALA A 93 19.63 12.15 -26.76
C ALA A 93 21.13 12.51 -26.70
N GLY A 94 21.68 13.19 -27.69
CA GLY A 94 23.12 13.48 -27.62
C GLY A 94 23.43 14.80 -26.92
N TYR A 95 22.43 15.63 -26.64
CA TYR A 95 22.67 17.03 -26.22
C TYR A 95 23.17 17.18 -24.79
N VAL A 96 22.46 16.68 -23.77
CA VAL A 96 22.82 16.87 -22.37
C VAL A 96 23.63 15.65 -21.98
N ASP A 97 24.92 15.87 -21.74
CA ASP A 97 25.82 14.78 -21.40
C ASP A 97 25.62 14.33 -19.95
N ALA A 98 26.11 13.13 -19.65
CA ALA A 98 25.83 12.50 -18.36
C ALA A 98 26.39 13.27 -17.18
N GLU A 99 27.33 14.20 -17.41
CA GLU A 99 27.92 14.94 -16.30
C GLU A 99 27.50 16.41 -16.27
N GLY A 100 26.68 16.87 -17.20
CA GLY A 100 26.26 18.25 -17.22
C GLY A 100 27.29 19.21 -17.77
N GLU A 101 28.29 18.69 -18.45
CA GLU A 101 29.35 19.51 -19.09
C GLU A 101 28.74 20.52 -20.07
N VAL A 102 27.52 20.33 -20.63
CA VAL A 102 26.91 21.27 -21.55
C VAL A 102 26.71 22.64 -20.91
N LEU A 103 26.43 22.68 -19.60
CA LEU A 103 26.28 23.97 -18.94
C LEU A 103 27.54 24.80 -19.05
N LYS A 104 28.71 24.15 -19.08
CA LYS A 104 30.02 24.85 -19.14
C LYS A 104 30.50 25.00 -20.58
N SER A 105 30.22 24.03 -21.44
CA SER A 105 30.77 23.98 -22.79
C SER A 105 29.77 24.37 -23.87
N GLY A 106 28.46 24.33 -23.58
CA GLY A 106 27.46 24.39 -24.63
C GLY A 106 27.40 25.73 -25.33
N SER A 107 26.74 25.71 -26.49
CA SER A 107 26.54 26.90 -27.31
C SER A 107 25.08 27.29 -27.40
N PHE A 108 24.24 26.76 -26.51
CA PHE A 108 22.83 27.05 -26.53
C PHE A 108 22.58 28.54 -26.25
N ARG A 109 21.47 29.04 -26.77
CA ARG A 109 21.06 30.41 -26.53
C ARG A 109 19.98 30.54 -25.47
N HIS A 110 19.22 29.47 -25.21
CA HIS A 110 18.09 29.50 -24.31
C HIS A 110 18.19 28.35 -23.30
N LEU A 111 18.08 28.68 -22.02
CA LEU A 111 18.11 27.71 -20.94
C LEU A 111 16.82 27.89 -20.17
N SER A 112 15.96 26.87 -20.20
CA SER A 112 14.62 26.99 -19.65
C SER A 112 14.61 26.66 -18.15
N ILE A 113 14.02 27.56 -17.36
CA ILE A 113 13.76 27.34 -15.96
C ILE A 113 12.36 27.83 -15.64
N ALA A 114 11.80 27.32 -14.54
CA ALA A 114 10.56 27.88 -14.02
C ALA A 114 10.87 29.16 -13.27
N ASN A 115 9.90 30.07 -13.27
CA ASN A 115 10.03 31.37 -12.60
C ASN A 115 10.46 31.15 -11.15
N PRO A 116 11.68 31.54 -10.78
CA PRO A 116 12.15 31.22 -9.43
C PRO A 116 11.51 32.07 -8.35
N LYS A 117 10.75 33.10 -8.71
CA LYS A 117 10.00 33.84 -7.70
C LYS A 117 8.71 33.14 -7.31
N THR A 118 8.20 32.23 -8.14
CA THR A 118 6.97 31.52 -7.81
C THR A 118 7.10 30.02 -7.84
N ALA A 119 8.13 29.47 -8.48
CA ALA A 119 8.24 28.03 -8.68
C ALA A 119 9.43 27.49 -7.92
N PRO A 120 9.22 26.69 -6.88
CA PRO A 120 10.36 26.11 -6.15
C PRO A 120 11.34 25.35 -7.03
N TYR A 121 10.90 24.74 -8.12
CA TYR A 121 11.81 24.04 -9.01
C TYR A 121 12.67 25.02 -9.79
N GLY A 122 12.15 26.22 -10.05
CA GLY A 122 12.97 27.26 -10.63
C GLY A 122 13.96 27.80 -9.62
N LEU A 123 13.55 27.96 -8.37
CA LEU A 123 14.48 28.39 -7.31
C LEU A 123 15.62 27.38 -7.16
N ALA A 124 15.30 26.09 -7.18
CA ALA A 124 16.35 25.07 -7.13
C ALA A 124 17.31 25.21 -8.31
N ALA A 125 16.80 25.60 -9.48
CA ALA A 125 17.65 25.79 -10.64
C ALA A 125 18.59 26.97 -10.43
N THR A 126 18.10 28.07 -9.88
CA THR A 126 18.96 29.25 -9.70
C THR A 126 19.93 29.05 -8.56
N GLN A 127 19.55 28.27 -7.54
CA GLN A 127 20.51 27.88 -6.51
C GLN A 127 21.65 27.03 -7.10
N ALA A 128 21.31 26.10 -8.01
CA ALA A 128 22.32 25.21 -8.56
C ALA A 128 23.28 25.94 -9.48
N MET A 129 22.76 26.83 -10.32
CA MET A 129 23.63 27.61 -11.20
C MET A 129 24.55 28.51 -10.38
N ASP A 130 24.03 29.07 -9.29
CA ASP A 130 24.80 29.94 -8.35
C ASP A 130 25.93 29.11 -7.70
N LYS A 131 25.62 27.92 -7.19
CA LYS A 131 26.61 27.07 -6.48
C LYS A 131 27.57 26.45 -7.50
N LEU A 132 27.18 26.33 -8.78
CA LEU A 132 28.12 25.91 -9.80
C LEU A 132 29.05 27.03 -10.24
N GLY A 133 28.79 28.26 -9.81
CA GLY A 133 29.57 29.40 -10.24
C GLY A 133 29.28 29.84 -11.65
N LEU A 134 28.08 29.54 -12.16
CA LEU A 134 27.73 29.80 -13.55
C LEU A 134 26.62 30.82 -13.68
N ALA A 135 26.23 31.49 -12.59
CA ALA A 135 25.05 32.35 -12.64
C ALA A 135 25.27 33.53 -13.57
N ALA A 136 26.49 34.07 -13.61
CA ALA A 136 26.73 35.26 -14.41
C ALA A 136 26.76 34.93 -15.89
N THR A 137 27.24 33.74 -16.25
CA THR A 137 27.31 33.39 -17.67
C THR A 137 25.99 32.80 -18.20
N LEU A 138 25.23 32.10 -17.37
CA LEU A 138 24.00 31.48 -17.83
C LEU A 138 22.79 32.40 -17.70
N GLY A 139 22.86 33.40 -16.82
CA GLY A 139 21.75 34.29 -16.57
C GLY A 139 21.17 34.91 -17.82
N PRO A 140 22.01 35.53 -18.66
CA PRO A 140 21.47 36.13 -19.90
C PRO A 140 20.77 35.12 -20.81
N LYS A 141 21.03 33.83 -20.67
CA LYS A 141 20.45 32.82 -21.54
C LYS A 141 19.13 32.27 -21.01
N LEU A 142 18.66 32.72 -19.85
CA LEU A 142 17.54 32.08 -19.19
C LEU A 142 16.21 32.50 -19.82
N VAL A 143 15.30 31.54 -19.93
CA VAL A 143 13.93 31.78 -20.34
C VAL A 143 13.04 31.16 -19.25
N GLU A 144 12.16 31.97 -18.67
CA GLU A 144 11.38 31.57 -17.50
C GLU A 144 9.96 31.17 -17.88
N GLY A 145 9.58 29.95 -17.51
CA GLY A 145 8.18 29.56 -17.57
C GLY A 145 7.40 29.97 -16.33
N GLN A 146 6.08 30.05 -16.47
CA GLN A 146 5.23 30.46 -15.35
C GLN A 146 5.16 29.38 -14.27
N ASN A 147 5.54 28.15 -14.59
CA ASN A 147 5.65 27.07 -13.63
C ASN A 147 6.54 26.00 -14.27
N ILE A 148 6.81 24.93 -13.52
CA ILE A 148 7.75 23.94 -14.02
C ILE A 148 7.15 23.16 -15.20
N SER A 149 5.82 23.16 -15.34
CA SER A 149 5.23 22.54 -16.52
C SER A 149 5.52 23.35 -17.78
N GLN A 150 5.38 24.68 -17.70
CA GLN A 150 5.69 25.53 -18.84
C GLN A 150 7.18 25.49 -19.17
N ALA A 151 8.04 25.50 -18.14
CA ALA A 151 9.48 25.40 -18.38
C ALA A 151 9.80 24.12 -19.13
N TYR A 152 9.20 23.00 -18.72
CA TYR A 152 9.39 21.74 -19.45
C TYR A 152 8.87 21.84 -20.88
N GLN A 153 7.70 22.43 -21.07
CA GLN A 153 7.12 22.48 -22.39
C GLN A 153 7.94 23.34 -23.35
N PHE A 154 8.63 24.37 -22.82
CA PHE A 154 9.53 25.15 -23.66
C PHE A 154 10.58 24.26 -24.30
N VAL A 155 11.11 23.31 -23.53
CA VAL A 155 12.11 22.40 -24.05
C VAL A 155 11.48 21.37 -24.98
N SER A 156 10.34 20.80 -24.56
CA SER A 156 9.71 19.76 -25.37
CA SER A 156 9.71 19.75 -25.37
C SER A 156 9.26 20.29 -26.73
N SER A 157 8.87 21.58 -26.79
CA SER A 157 8.40 22.20 -28.01
C SER A 157 9.52 22.84 -28.83
N GLY A 158 10.76 22.82 -28.34
CA GLY A 158 11.85 23.38 -29.09
C GLY A 158 12.00 24.89 -28.99
N ASN A 159 11.33 25.53 -28.03
CA ASN A 159 11.55 26.93 -27.74
C ASN A 159 12.78 27.18 -26.88
N ALA A 160 13.41 26.13 -26.35
CA ALA A 160 14.72 26.23 -25.70
C ALA A 160 15.46 24.90 -25.89
N GLU A 161 16.79 25.00 -25.99
CA GLU A 161 17.60 23.83 -26.30
C GLU A 161 17.59 22.82 -25.17
N LEU A 162 17.47 23.29 -23.93
CA LEU A 162 17.54 22.44 -22.75
C LEU A 162 16.96 23.24 -21.59
N GLY A 163 16.66 22.56 -20.50
CA GLY A 163 16.09 23.22 -19.34
C GLY A 163 16.27 22.42 -18.07
N PHE A 164 16.10 23.12 -16.96
CA PHE A 164 16.05 22.47 -15.65
C PHE A 164 14.59 22.09 -15.38
N VAL A 165 14.30 20.78 -15.35
CA VAL A 165 12.95 20.29 -15.22
C VAL A 165 12.84 19.42 -13.97
N ALA A 166 11.60 19.13 -13.57
CA ALA A 166 11.36 18.21 -12.48
C ALA A 166 11.57 16.78 -12.95
N LEU A 167 12.28 15.99 -12.14
CA LEU A 167 12.51 14.59 -12.50
C LEU A 167 11.20 13.88 -12.81
N SER A 168 10.13 14.24 -12.11
CA SER A 168 8.82 13.62 -12.31
C SER A 168 8.32 13.76 -13.74
N GLN A 169 8.87 14.68 -14.52
CA GLN A 169 8.41 14.91 -15.87
C GLN A 169 9.09 14.01 -16.91
N ILE A 170 10.15 13.29 -16.54
CA ILE A 170 10.94 12.51 -17.48
C ILE A 170 11.24 11.11 -16.97
N TYR A 171 10.70 10.73 -15.82
CA TYR A 171 11.09 9.54 -15.08
C TYR A 171 9.92 8.58 -15.05
N LYS A 172 10.22 7.33 -15.36
CA LYS A 172 9.22 6.25 -15.30
C LYS A 172 9.99 4.96 -15.03
N ASP A 173 9.44 4.10 -14.21
CA ASP A 173 9.97 2.75 -13.97
C ASP A 173 11.44 2.79 -13.55
N GLY A 174 11.73 3.70 -12.62
CA GLY A 174 13.06 3.77 -12.05
C GLY A 174 14.11 4.38 -12.92
N LYS A 175 13.70 5.10 -13.98
CA LYS A 175 14.69 5.53 -14.98
C LYS A 175 14.26 6.78 -15.75
N VAL A 176 15.16 7.66 -16.06
CA VAL A 176 14.86 8.67 -17.07
C VAL A 176 14.54 7.95 -18.37
N ALA A 177 13.37 8.23 -18.95
CA ALA A 177 12.81 7.42 -20.02
C ALA A 177 12.82 8.09 -21.37
N THR A 178 13.37 9.30 -21.48
CA THR A 178 13.26 10.04 -22.73
C THR A 178 14.33 11.11 -22.75
N GLY A 179 14.89 11.32 -23.94
CA GLY A 179 15.88 12.36 -24.14
C GLY A 179 17.19 12.06 -23.45
N SER A 180 17.83 13.11 -22.97
CA SER A 180 19.12 13.04 -22.29
C SER A 180 19.04 13.92 -21.05
N ALA A 181 19.62 13.44 -19.94
CA ALA A 181 19.46 14.13 -18.68
C ALA A 181 20.72 14.04 -17.83
N TRP A 182 20.92 15.08 -17.01
CA TRP A 182 21.89 15.10 -15.94
C TRP A 182 21.13 15.33 -14.64
N ILE A 183 21.28 14.42 -13.68
CA ILE A 183 20.61 14.58 -12.40
C ILE A 183 21.43 15.56 -11.57
N VAL A 184 20.84 16.71 -11.26
CA VAL A 184 21.51 17.75 -10.48
C VAL A 184 21.77 17.20 -9.08
N PRO A 185 23.04 17.11 -8.64
CA PRO A 185 23.31 16.59 -7.29
C PRO A 185 22.88 17.57 -6.22
N THR A 186 22.32 17.03 -5.12
CA THR A 186 21.57 17.85 -4.19
C THR A 186 22.42 18.92 -3.54
N GLU A 187 23.73 18.70 -3.41
CA GLU A 187 24.55 19.69 -2.73
C GLU A 187 24.50 21.05 -3.42
N LEU A 188 24.00 21.11 -4.64
CA LEU A 188 23.96 22.37 -5.36
C LEU A 188 22.74 23.22 -5.03
N HIS A 189 21.77 22.68 -4.30
CA HIS A 189 20.55 23.42 -3.99
C HIS A 189 19.90 22.85 -2.74
N ASP A 190 18.98 23.62 -2.19
CA ASP A 190 18.24 23.15 -1.02
C ASP A 190 17.38 21.94 -1.40
N PRO A 191 17.35 20.89 -0.60
CA PRO A 191 16.50 19.74 -0.94
C PRO A 191 15.08 20.19 -1.24
N ILE A 192 14.49 19.58 -2.27
CA ILE A 192 13.17 19.98 -2.75
C ILE A 192 12.11 19.24 -1.94
N ARG A 193 12.00 19.61 -0.67
CA ARG A 193 11.02 19.03 0.24
C ARG A 193 9.66 19.65 -0.07
N GLN A 194 8.69 18.82 -0.46
CA GLN A 194 7.37 19.25 -0.88
C GLN A 194 6.35 18.89 0.20
N ASP A 195 5.74 19.93 0.79
CA ASP A 195 4.89 19.76 1.95
C ASP A 195 3.43 20.01 1.57
N ALA A 196 2.54 19.25 2.21
CA ALA A 196 1.10 19.37 2.04
C ALA A 196 0.50 19.95 3.31
N VAL A 197 -0.70 20.50 3.19
CA VAL A 197 -1.33 21.21 4.29
C VAL A 197 -2.83 21.26 4.04
N ILE A 198 -3.59 21.18 5.11
CA ILE A 198 -5.04 21.39 5.05
C ILE A 198 -5.30 22.87 5.27
N LEU A 199 -6.02 23.48 4.33
CA LEU A 199 -6.36 24.89 4.43
C LEU A 199 -7.61 25.10 5.27
N ASN A 200 -7.82 26.35 5.69
CA ASN A 200 -8.94 26.70 6.55
C ASN A 200 -10.24 26.09 6.03
N LYS A 201 -10.50 26.24 4.72
CA LYS A 201 -11.76 25.70 4.20
C LYS A 201 -11.79 24.18 4.15
N GLY A 202 -10.69 23.51 4.52
CA GLY A 202 -10.68 22.06 4.57
C GLY A 202 -10.83 21.49 5.97
N LYS A 203 -10.79 22.37 6.99
CA LYS A 203 -10.94 21.94 8.41
C LYS A 203 -12.28 21.21 8.56
N ASP A 204 -12.32 20.07 9.24
CA ASP A 204 -13.57 19.30 9.50
C ASP A 204 -14.21 18.83 8.17
N ASN A 205 -13.49 18.75 7.04
CA ASN A 205 -14.02 18.23 5.78
C ASN A 205 -13.55 16.79 5.58
N ALA A 206 -14.51 15.89 5.36
CA ALA A 206 -14.21 14.46 5.31
C ALA A 206 -13.29 14.12 4.15
N ALA A 207 -13.52 14.72 2.98
CA ALA A 207 -12.68 14.40 1.83
C ALA A 207 -11.25 14.91 2.03
N ALA A 208 -11.10 16.06 2.69
CA ALA A 208 -9.77 16.60 2.92
C ALA A 208 -8.98 15.68 3.86
N LYS A 209 -9.62 15.22 4.94
CA LYS A 209 -8.96 14.32 5.87
C LYS A 209 -8.63 12.99 5.20
N ALA A 210 -9.57 12.45 4.42
CA ALA A 210 -9.30 11.20 3.71
C ALA A 210 -8.09 11.34 2.79
N LEU A 211 -7.95 12.50 2.14
CA LEU A 211 -6.88 12.67 1.16
C LEU A 211 -5.51 12.64 1.83
N VAL A 212 -5.35 13.40 2.92
CA VAL A 212 -4.03 13.47 3.55
C VAL A 212 -3.67 12.13 4.17
N ASP A 213 -4.65 11.44 4.75
CA ASP A 213 -4.40 10.07 5.21
C ASP A 213 -4.00 9.19 4.02
N TYR A 214 -4.69 9.32 2.89
CA TYR A 214 -4.38 8.53 1.71
C TYR A 214 -2.98 8.84 1.19
N LEU A 215 -2.61 10.12 1.12
CA LEU A 215 -1.28 10.46 0.63
C LEU A 215 -0.18 9.81 1.48
N LYS A 216 -0.46 9.52 2.74
CA LYS A 216 0.49 8.82 3.59
C LYS A 216 0.36 7.31 3.48
N GLY A 217 -0.51 6.82 2.59
CA GLY A 217 -0.84 5.42 2.51
C GLY A 217 0.01 4.64 1.54
N ALA A 218 -0.29 3.34 1.43
CA ALA A 218 0.55 2.42 0.70
C ALA A 218 0.45 2.62 -0.81
N LYS A 219 -0.77 2.76 -1.31
CA LYS A 219 -1.04 2.92 -2.76
C LYS A 219 -0.47 4.27 -3.23
N ALA A 220 -0.61 5.34 -2.43
CA ALA A 220 -0.05 6.65 -2.78
C ALA A 220 1.48 6.62 -2.71
N ALA A 221 2.04 5.97 -1.71
CA ALA A 221 3.50 5.96 -1.58
C ALA A 221 4.17 5.27 -2.76
N ALA A 222 3.57 4.19 -3.25
CA ALA A 222 4.13 3.47 -4.39
C ALA A 222 4.07 4.30 -5.67
N LEU A 223 2.95 4.98 -5.91
CA LEU A 223 2.86 5.84 -7.09
C LEU A 223 3.85 6.99 -7.00
N ILE A 224 3.97 7.62 -5.83
CA ILE A 224 4.84 8.78 -5.69
C ILE A 224 6.29 8.42 -6.03
N LYS A 225 6.77 7.29 -5.51
CA LYS A 225 8.13 6.86 -5.82
C LYS A 225 8.28 6.42 -7.27
N SER A 226 7.19 5.97 -7.91
CA SER A 226 7.29 5.58 -9.32
C SER A 226 7.57 6.76 -10.23
N TYR A 227 7.40 8.00 -9.74
CA TYR A 227 7.71 9.19 -10.50
C TYR A 227 9.06 9.79 -10.09
N GLY A 228 9.80 9.13 -9.21
CA GLY A 228 11.13 9.59 -8.86
C GLY A 228 11.24 10.38 -7.58
N TYR A 229 10.14 10.58 -6.86
CA TYR A 229 10.22 11.25 -5.57
C TYR A 229 10.70 10.28 -4.50
N GLU A 230 11.38 10.81 -3.47
CA GLU A 230 11.78 10.02 -2.28
C GLU A 230 10.74 10.37 -1.19
N LEU A 231 10.51 9.50 -0.22
CA LEU A 231 9.56 9.78 0.91
C LEU A 231 10.31 9.61 2.23
N GLU B 5 13.19 -9.32 9.70
CA GLU B 5 13.02 -7.88 9.35
C GLU B 5 11.53 -7.56 9.23
N VAL B 6 10.60 -8.56 9.16
CA VAL B 6 9.10 -8.33 9.18
C VAL B 6 8.46 -9.22 10.26
N GLN B 7 7.78 -8.66 11.27
CA GLN B 7 7.06 -9.46 12.24
C GLN B 7 5.65 -9.71 11.69
N VAL B 8 5.27 -10.98 11.56
CA VAL B 8 4.03 -11.34 10.88
C VAL B 8 3.15 -12.15 11.82
N ALA B 9 1.91 -11.69 12.02
CA ALA B 9 0.89 -12.44 12.73
C ALA B 9 0.09 -13.26 11.73
N VAL B 10 0.03 -14.58 11.93
CA VAL B 10 -0.47 -15.51 10.94
C VAL B 10 -1.55 -16.38 11.55
N ALA B 11 -2.77 -16.27 11.02
CA ALA B 11 -3.85 -17.18 11.41
C ALA B 11 -3.40 -18.62 11.27
N ALA B 12 -3.83 -19.47 12.21
CA ALA B 12 -3.30 -20.81 12.32
C ALA B 12 -3.51 -21.65 11.06
N ASN B 13 -4.59 -21.43 10.32
CA ASN B 13 -4.82 -22.24 9.12
C ASN B 13 -3.67 -22.10 8.14
N PHE B 14 -2.97 -20.96 8.18
CA PHE B 14 -1.93 -20.62 7.21
C PHE B 14 -0.54 -20.92 7.75
N THR B 15 -0.45 -21.73 8.81
CA THR B 15 0.84 -22.05 9.40
C THR B 15 1.76 -22.69 8.37
N ALA B 16 1.39 -23.87 7.87
CA ALA B 16 2.22 -24.54 6.89
C ALA B 16 2.40 -23.73 5.62
N PRO B 17 1.37 -23.11 5.05
CA PRO B 17 1.60 -22.29 3.85
C PRO B 17 2.64 -21.20 4.04
N ILE B 18 2.62 -20.47 5.16
CA ILE B 18 3.55 -19.34 5.30
C ILE B 18 4.97 -19.82 5.54
N GLN B 19 5.14 -20.97 6.19
CA GLN B 19 6.47 -21.56 6.29
C GLN B 19 7.05 -21.85 4.92
N ALA B 20 6.19 -22.22 3.96
CA ALA B 20 6.65 -22.50 2.61
C ALA B 20 6.91 -21.22 1.84
N ILE B 21 6.05 -20.22 2.00
CA ILE B 21 6.29 -18.91 1.41
C ILE B 21 7.55 -18.26 2.00
N ALA B 22 7.77 -18.46 3.30
CA ALA B 22 8.90 -17.82 3.98
C ALA B 22 10.22 -18.21 3.36
N LYS B 23 10.35 -19.47 2.91
CA LYS B 23 11.61 -19.92 2.32
C LYS B 23 11.87 -19.26 0.97
N GLU B 24 10.85 -19.18 0.12
CA GLU B 24 10.99 -18.54 -1.18
C GLU B 24 11.11 -17.01 -1.05
N PHE B 25 10.40 -16.43 -0.09
CA PHE B 25 10.42 -14.99 0.10
C PHE B 25 11.82 -14.52 0.52
N GLU B 26 12.45 -15.23 1.47
CA GLU B 26 13.80 -14.87 1.89
C GLU B 26 14.79 -15.05 0.74
N LYS B 27 14.66 -16.16 0.00
CA LYS B 27 15.61 -16.46 -1.08
C LYS B 27 15.51 -15.42 -2.18
N ASP B 28 14.30 -14.91 -2.44
CA ASP B 28 14.10 -13.96 -3.53
C ASP B 28 14.40 -12.53 -3.09
N THR B 29 14.03 -12.16 -1.87
CA THR B 29 14.16 -10.79 -1.41
C THR B 29 15.26 -10.55 -0.40
N GLY B 30 15.73 -11.59 0.29
CA GLY B 30 16.72 -11.42 1.34
C GLY B 30 16.17 -11.06 2.71
N HIS B 31 14.89 -10.74 2.83
CA HIS B 31 14.29 -10.39 4.11
C HIS B 31 13.90 -11.64 4.90
N ARG B 32 14.01 -11.51 6.22
CA ARG B 32 13.64 -12.61 7.15
C ARG B 32 12.17 -12.45 7.50
N LEU B 33 11.43 -13.52 7.51
CA LEU B 33 10.03 -13.53 7.96
C LEU B 33 9.94 -14.23 9.32
N VAL B 34 9.53 -13.48 10.34
CA VAL B 34 9.37 -13.99 11.69
C VAL B 34 7.87 -14.08 11.99
N ALA B 35 7.36 -15.29 12.12
CA ALA B 35 5.92 -15.53 12.19
C ALA B 35 5.51 -16.05 13.56
N ALA B 36 4.41 -15.51 14.09
CA ALA B 36 3.67 -16.10 15.18
C ALA B 36 2.36 -16.67 14.64
N TYR B 37 1.91 -17.77 15.24
CA TYR B 37 0.73 -18.48 14.77
C TYR B 37 -0.31 -18.53 15.88
N GLY B 38 -1.58 -18.41 15.50
CA GLY B 38 -2.65 -18.50 16.48
C GLY B 38 -3.97 -18.13 15.84
N ALA B 39 -4.98 -18.00 16.70
CA ALA B 39 -6.30 -17.63 16.26
C ALA B 39 -6.35 -16.15 15.86
N THR B 40 -7.04 -15.87 14.77
CA THR B 40 -7.27 -14.51 14.32
C THR B 40 -7.71 -13.62 15.48
N GLY B 41 -8.71 -14.07 16.24
CA GLY B 41 -9.21 -13.27 17.34
C GLY B 41 -8.16 -12.98 18.39
N GLN B 42 -7.25 -13.94 18.61
CA GLN B 42 -6.19 -13.71 19.59
C GLN B 42 -5.26 -12.61 19.12
N PHE B 43 -4.99 -12.55 17.82
CA PHE B 43 -4.08 -11.51 17.30
C PHE B 43 -4.73 -10.12 17.34
N TYR B 44 -6.05 -10.05 17.14
CA TYR B 44 -6.72 -8.75 17.29
C TYR B 44 -6.43 -8.15 18.66
N THR B 45 -6.53 -8.98 19.71
CA THR B 45 -6.27 -8.48 21.06
C THR B 45 -4.80 -8.09 21.22
N GLN B 46 -3.89 -8.97 20.79
CA GLN B 46 -2.47 -8.67 20.89
C GLN B 46 -2.13 -7.40 20.14
N ILE B 47 -2.63 -7.27 18.91
CA ILE B 47 -2.36 -6.07 18.11
C ILE B 47 -2.89 -4.84 18.82
N LYS B 48 -4.11 -4.92 19.34
CA LYS B 48 -4.74 -3.79 20.07
C LYS B 48 -3.88 -3.42 21.29
N ASN B 49 -3.13 -4.38 21.85
CA ASN B 49 -2.41 -4.15 23.09
C ASN B 49 -0.95 -3.74 22.87
N GLY B 50 -0.53 -3.58 21.63
CA GLY B 50 0.79 -3.07 21.33
C GLY B 50 1.81 -4.08 20.82
N ALA B 51 1.40 -5.31 20.53
CA ALA B 51 2.31 -6.34 20.03
C ALA B 51 3.09 -5.81 18.82
N PRO B 52 4.32 -6.28 18.61
CA PRO B 52 5.19 -5.66 17.60
C PRO B 52 4.91 -6.09 16.17
N PHE B 53 3.87 -6.89 15.93
CA PHE B 53 3.60 -7.39 14.60
C PHE B 53 3.52 -6.23 13.62
N GLN B 54 4.02 -6.46 12.40
CA GLN B 54 4.00 -5.46 11.35
C GLN B 54 3.10 -5.83 10.18
N VAL B 55 2.89 -7.12 9.93
CA VAL B 55 1.93 -7.61 8.95
C VAL B 55 1.00 -8.59 9.68
N PHE B 56 -0.24 -8.68 9.20
CA PHE B 56 -1.25 -9.54 9.82
C PHE B 56 -1.96 -10.31 8.70
N LEU B 57 -1.82 -11.63 8.72
CA LEU B 57 -2.52 -12.53 7.80
C LEU B 57 -3.69 -13.12 8.58
N SER B 58 -4.89 -12.61 8.32
CA SER B 58 -6.10 -13.02 9.01
C SER B 58 -6.72 -14.24 8.35
N ALA B 59 -7.56 -14.94 9.11
CA ALA B 59 -8.39 -16.01 8.56
C ALA B 59 -9.76 -15.50 8.10
N ASP B 60 -10.01 -14.20 8.21
CA ASP B 60 -11.26 -13.60 7.77
C ASP B 60 -10.95 -12.25 7.13
N ASP B 61 -12.00 -11.54 6.72
CA ASP B 61 -11.86 -10.15 6.31
C ASP B 61 -12.48 -9.17 7.30
N SER B 62 -13.34 -9.63 8.21
CA SER B 62 -13.97 -8.71 9.14
C SER B 62 -13.00 -8.20 10.20
N THR B 63 -12.02 -9.02 10.60
CA THR B 63 -11.08 -8.58 11.64
C THR B 63 -10.12 -7.52 11.10
N PRO B 64 -9.46 -7.71 9.96
CA PRO B 64 -8.68 -6.60 9.38
C PRO B 64 -9.52 -5.33 9.17
N ALA B 65 -10.78 -5.48 8.73
CA ALA B 65 -11.62 -4.30 8.51
C ALA B 65 -11.91 -3.59 9.82
N LYS B 66 -12.10 -4.35 10.91
CA LYS B 66 -12.28 -3.74 12.23
C LYS B 66 -11.04 -2.96 12.65
N LEU B 67 -9.85 -3.53 12.41
CA LEU B 67 -8.62 -2.84 12.76
C LEU B 67 -8.48 -1.56 11.96
N GLU B 68 -8.85 -1.57 10.69
CA GLU B 68 -8.79 -0.36 9.84
C GLU B 68 -9.84 0.64 10.36
N GLN B 69 -10.99 0.16 10.88
CA GLN B 69 -12.00 1.03 11.46
C GLN B 69 -11.48 1.78 12.67
N GLU B 70 -10.55 1.17 13.41
CA GLU B 70 -10.00 1.75 14.64
C GLU B 70 -8.65 2.41 14.40
N GLY B 71 -8.22 2.53 13.16
CA GLY B 71 -7.04 3.30 12.85
C GLY B 71 -5.73 2.56 13.00
N GLU B 72 -5.78 1.23 13.04
CA GLU B 72 -4.61 0.39 13.29
C GLU B 72 -3.92 -0.10 12.01
N VAL B 73 -4.34 0.38 10.85
CA VAL B 73 -3.92 -0.20 9.57
C VAL B 73 -3.40 0.90 8.65
N VAL B 74 -2.38 0.58 7.87
CA VAL B 74 -1.86 1.50 6.84
C VAL B 74 -2.91 1.59 5.73
N PRO B 75 -3.43 2.78 5.43
CA PRO B 75 -4.43 2.87 4.36
C PRO B 75 -3.90 2.32 3.04
N GLY B 76 -4.76 1.58 2.34
CA GLY B 76 -4.40 0.96 1.09
C GLY B 76 -3.82 -0.42 1.18
N SER B 77 -3.49 -0.88 2.39
CA SER B 77 -2.78 -2.15 2.58
C SER B 77 -3.69 -3.37 2.56
N ARG B 78 -4.96 -3.20 2.93
CA ARG B 78 -5.88 -4.36 3.14
C ARG B 78 -6.25 -5.05 1.82
N PHE B 79 -5.94 -6.33 1.67
CA PHE B 79 -6.31 -7.09 0.48
C PHE B 79 -6.61 -8.54 0.85
N THR B 80 -7.30 -9.24 -0.06
CA THR B 80 -7.57 -10.66 0.11
C THR B 80 -6.40 -11.48 -0.44
N TYR B 81 -5.78 -12.30 0.41
CA TYR B 81 -4.63 -13.09 0.00
C TYR B 81 -4.95 -14.55 -0.22
N ALA B 82 -6.10 -15.02 0.24
CA ALA B 82 -6.48 -16.43 0.13
C ALA B 82 -7.95 -16.59 0.46
N ILE B 83 -8.55 -17.61 -0.11
CA ILE B 83 -9.92 -18.02 0.21
C ILE B 83 -9.87 -19.50 0.58
N GLY B 84 -10.22 -19.81 1.82
CA GLY B 84 -10.11 -21.16 2.34
C GLY B 84 -11.39 -21.96 2.16
N THR B 85 -11.29 -23.25 2.51
CA THR B 85 -12.38 -24.20 2.41
C THR B 85 -12.43 -25.00 3.70
N LEU B 86 -13.64 -25.33 4.12
CA LEU B 86 -13.85 -26.12 5.34
C LEU B 86 -14.08 -27.58 4.98
N ALA B 87 -13.48 -28.48 5.75
CA ALA B 87 -13.62 -29.91 5.52
C ALA B 87 -13.94 -30.61 6.84
N LEU B 88 -14.88 -31.56 6.79
CA LEU B 88 -15.05 -32.53 7.86
C LEU B 88 -14.06 -33.66 7.61
N TRP B 89 -13.29 -34.04 8.63
CA TRP B 89 -12.16 -34.92 8.38
C TRP B 89 -11.92 -35.87 9.55
N SER B 90 -11.44 -37.06 9.20
CA SER B 90 -10.92 -38.01 10.18
C SER B 90 -9.76 -38.77 9.56
N PRO B 91 -8.72 -39.10 10.34
CA PRO B 91 -7.65 -39.95 9.79
C PRO B 91 -8.09 -41.36 9.46
N LYS B 92 -9.23 -41.80 9.98
CA LYS B 92 -9.76 -43.12 9.69
C LYS B 92 -10.46 -43.09 8.34
N ALA B 93 -10.00 -43.92 7.42
CA ALA B 93 -10.57 -43.91 6.08
C ALA B 93 -12.01 -44.42 6.13
N GLY B 94 -12.86 -43.82 5.29
CA GLY B 94 -14.27 -44.14 5.27
C GLY B 94 -15.08 -43.74 6.48
N TYR B 95 -14.45 -43.32 7.58
CA TYR B 95 -15.20 -42.90 8.75
C TYR B 95 -16.07 -41.69 8.42
N VAL B 96 -15.49 -40.68 7.78
CA VAL B 96 -16.24 -39.55 7.26
C VAL B 96 -16.59 -39.89 5.81
N ASP B 97 -17.87 -40.13 5.56
CA ASP B 97 -18.33 -40.53 4.24
C ASP B 97 -18.34 -39.33 3.31
N ALA B 98 -18.38 -39.62 2.00
CA ALA B 98 -18.22 -38.58 0.99
C ALA B 98 -19.32 -37.52 1.04
N GLU B 99 -20.44 -37.78 1.72
CA GLU B 99 -21.53 -36.82 1.78
C GLU B 99 -21.69 -36.17 3.15
N GLY B 100 -20.90 -36.57 4.14
CA GLY B 100 -21.05 -36.00 5.47
C GLY B 100 -22.24 -36.55 6.23
N GLU B 101 -22.81 -37.64 5.77
CA GLU B 101 -23.96 -38.28 6.43
C GLU B 101 -23.55 -38.71 7.85
N VAL B 102 -22.27 -38.89 8.18
CA VAL B 102 -21.84 -39.26 9.53
C VAL B 102 -22.30 -38.23 10.55
N LEU B 103 -22.43 -36.96 10.14
CA LEU B 103 -22.89 -35.92 11.05
C LEU B 103 -24.29 -36.22 11.57
N LYS B 104 -25.16 -36.78 10.72
CA LYS B 104 -26.57 -37.11 11.09
C LYS B 104 -26.68 -38.54 11.64
N SER B 105 -25.83 -39.46 11.19
CA SER B 105 -25.98 -40.86 11.51
C SER B 105 -25.00 -41.32 12.58
N GLY B 106 -23.91 -40.58 12.76
CA GLY B 106 -22.79 -41.08 13.52
C GLY B 106 -23.10 -41.28 14.99
N SER B 107 -22.23 -42.05 15.63
CA SER B 107 -22.29 -42.35 17.05
C SER B 107 -21.10 -41.75 17.79
N PHE B 108 -20.41 -40.79 17.18
CA PHE B 108 -19.24 -40.18 17.81
C PHE B 108 -19.64 -39.36 19.02
N ARG B 109 -18.72 -39.24 19.96
CA ARG B 109 -18.93 -38.45 21.17
C ARG B 109 -18.29 -37.08 21.12
N HIS B 110 -17.24 -36.91 20.30
CA HIS B 110 -16.48 -35.67 20.26
C HIS B 110 -16.35 -35.20 18.82
N LEU B 111 -16.74 -33.95 18.58
CA LEU B 111 -16.64 -33.30 17.28
C LEU B 111 -15.82 -32.04 17.49
N SER B 112 -14.65 -31.99 16.87
CA SER B 112 -13.68 -30.93 17.12
C SER B 112 -13.95 -29.75 16.20
N ILE B 113 -14.03 -28.55 16.78
CA ILE B 113 -14.03 -27.31 16.04
C ILE B 113 -13.08 -26.34 16.73
N ALA B 114 -12.65 -25.32 16.00
CA ALA B 114 -11.91 -24.22 16.60
C ALA B 114 -12.89 -23.29 17.29
N ASN B 115 -12.41 -22.65 18.35
CA ASN B 115 -13.22 -21.71 19.14
C ASN B 115 -13.86 -20.69 18.22
N PRO B 116 -15.18 -20.73 18.03
CA PRO B 116 -15.79 -19.84 17.03
C PRO B 116 -15.86 -18.39 17.46
N LYS B 117 -15.54 -18.08 18.72
CA LYS B 117 -15.45 -16.68 19.14
C LYS B 117 -14.14 -16.03 18.71
N THR B 118 -13.10 -16.81 18.40
CA THR B 118 -11.82 -16.27 17.97
C THR B 118 -11.32 -16.81 16.64
N ALA B 119 -11.82 -17.94 16.18
CA ALA B 119 -11.26 -18.60 15.00
C ALA B 119 -12.28 -18.59 13.87
N PRO B 120 -12.02 -17.86 12.77
CA PRO B 120 -12.99 -17.88 11.67
C PRO B 120 -13.31 -19.26 11.13
N TYR B 121 -12.36 -20.19 11.18
CA TYR B 121 -12.64 -21.54 10.70
C TYR B 121 -13.57 -22.26 11.66
N GLY B 122 -13.54 -21.90 12.94
CA GLY B 122 -14.53 -22.40 13.87
C GLY B 122 -15.89 -21.75 13.65
N LEU B 123 -15.89 -20.44 13.38
CA LEU B 123 -17.15 -19.79 13.07
C LEU B 123 -17.79 -20.39 11.82
N ALA B 124 -16.98 -20.68 10.80
CA ALA B 124 -17.52 -21.33 9.60
C ALA B 124 -18.14 -22.68 9.95
N ALA B 125 -17.54 -23.39 10.91
CA ALA B 125 -18.08 -24.68 11.32
C ALA B 125 -19.44 -24.51 12.00
N THR B 126 -19.57 -23.51 12.89
CA THR B 126 -20.83 -23.35 13.59
C THR B 126 -21.90 -22.78 12.68
N GLN B 127 -21.51 -21.98 11.69
CA GLN B 127 -22.48 -21.53 10.68
C GLN B 127 -23.01 -22.70 9.87
N ALA B 128 -22.12 -23.64 9.50
CA ALA B 128 -22.55 -24.75 8.65
C ALA B 128 -23.48 -25.69 9.41
N MET B 129 -23.17 -25.96 10.69
CA MET B 129 -24.04 -26.82 11.48
C MET B 129 -25.41 -26.19 11.65
N ASP B 130 -25.45 -24.86 11.81
CA ASP B 130 -26.73 -24.15 11.89
C ASP B 130 -27.55 -24.37 10.62
N LYS B 131 -26.94 -24.11 9.45
CA LYS B 131 -27.67 -24.22 8.19
C LYS B 131 -27.95 -25.68 7.82
N LEU B 132 -27.20 -26.62 8.38
CA LEU B 132 -27.55 -28.03 8.20
C LEU B 132 -28.71 -28.45 9.10
N GLY B 133 -29.11 -27.61 10.05
CA GLY B 133 -30.15 -28.00 10.98
C GLY B 133 -29.68 -28.96 12.05
N LEU B 134 -28.40 -28.94 12.39
CA LEU B 134 -27.81 -29.91 13.31
C LEU B 134 -27.22 -29.26 14.56
N ALA B 135 -27.45 -27.96 14.77
CA ALA B 135 -26.78 -27.28 15.87
C ALA B 135 -27.17 -27.85 17.22
N ALA B 136 -28.44 -28.21 17.40
CA ALA B 136 -28.89 -28.72 18.69
C ALA B 136 -28.44 -30.16 18.92
N THR B 137 -28.31 -30.95 17.85
CA THR B 137 -27.92 -32.35 18.02
C THR B 137 -26.40 -32.50 18.17
N LEU B 138 -25.62 -31.63 17.51
CA LEU B 138 -24.17 -31.70 17.56
C LEU B 138 -23.56 -30.84 18.65
N GLY B 139 -24.26 -29.82 19.11
CA GLY B 139 -23.73 -28.87 20.09
C GLY B 139 -23.13 -29.54 21.30
N PRO B 140 -23.90 -30.41 21.96
CA PRO B 140 -23.38 -31.10 23.15
C PRO B 140 -22.10 -31.91 22.88
N LYS B 141 -21.82 -32.25 21.63
CA LYS B 141 -20.67 -33.08 21.28
C LYS B 141 -19.42 -32.27 20.97
N LEU B 142 -19.50 -30.94 21.02
CA LEU B 142 -18.42 -30.11 20.52
C LEU B 142 -17.25 -30.06 21.50
N VAL B 143 -16.04 -30.08 20.95
CA VAL B 143 -14.81 -29.84 21.70
C VAL B 143 -14.07 -28.74 20.96
N GLU B 144 -13.74 -27.64 21.66
CA GLU B 144 -13.18 -26.45 21.04
C GLU B 144 -11.67 -26.41 21.26
N GLY B 145 -10.92 -26.35 20.18
CA GLY B 145 -9.52 -25.99 20.26
C GLY B 145 -9.37 -24.47 20.21
N GLN B 146 -8.25 -23.97 20.74
CA GLN B 146 -8.11 -22.53 20.77
C GLN B 146 -7.80 -21.92 19.40
N ASN B 147 -7.46 -22.73 18.41
CA ASN B 147 -7.35 -22.28 17.02
C ASN B 147 -7.48 -23.52 16.13
N ILE B 148 -7.50 -23.28 14.82
CA ILE B 148 -7.80 -24.39 13.90
C ILE B 148 -6.67 -25.41 13.85
N SER B 149 -5.44 -25.04 14.24
CA SER B 149 -4.37 -26.03 14.33
C SER B 149 -4.64 -27.01 15.47
N GLN B 150 -5.03 -26.49 16.63
CA GLN B 150 -5.35 -27.36 17.76
C GLN B 150 -6.58 -28.20 17.47
N ALA B 151 -7.61 -27.61 16.86
CA ALA B 151 -8.80 -28.38 16.50
C ALA B 151 -8.42 -29.54 15.59
N TYR B 152 -7.55 -29.29 14.60
CA TYR B 152 -7.03 -30.35 13.76
C TYR B 152 -6.26 -31.39 14.57
N GLN B 153 -5.42 -30.92 15.49
CA GLN B 153 -4.57 -31.82 16.26
C GLN B 153 -5.40 -32.67 17.21
N PHE B 154 -6.53 -32.14 17.71
CA PHE B 154 -7.42 -32.96 18.51
C PHE B 154 -7.85 -34.20 17.73
N VAL B 155 -8.10 -34.04 16.44
CA VAL B 155 -8.49 -35.17 15.60
C VAL B 155 -7.30 -36.07 15.28
N SER B 156 -6.18 -35.48 14.82
CA SER B 156 -5.06 -36.33 14.40
C SER B 156 -4.48 -37.13 15.57
N SER B 157 -4.65 -36.66 16.80
CA SER B 157 -4.14 -37.33 17.98
C SER B 157 -5.15 -38.27 18.62
N GLY B 158 -6.38 -38.32 18.11
CA GLY B 158 -7.37 -39.20 18.70
C GLY B 158 -8.09 -38.62 19.91
N ASN B 159 -7.99 -37.32 20.11
CA ASN B 159 -8.79 -36.64 21.13
C ASN B 159 -10.22 -36.38 20.68
N ALA B 160 -10.51 -36.54 19.39
CA ALA B 160 -11.87 -36.49 18.89
C ALA B 160 -11.96 -37.39 17.66
N GLU B 161 -13.13 -37.97 17.46
CA GLU B 161 -13.33 -38.88 16.34
C GLU B 161 -13.25 -38.16 14.99
N LEU B 162 -13.66 -36.90 14.94
CA LEU B 162 -13.68 -36.15 13.68
C LEU B 162 -13.78 -34.68 14.01
N GLY B 163 -13.50 -33.83 13.01
CA GLY B 163 -13.55 -32.40 13.25
C GLY B 163 -13.71 -31.61 11.97
N PHE B 164 -14.11 -30.35 12.13
CA PHE B 164 -14.14 -29.40 11.03
C PHE B 164 -12.77 -28.72 10.99
N VAL B 165 -12.03 -28.98 9.91
CA VAL B 165 -10.65 -28.52 9.79
C VAL B 165 -10.54 -27.63 8.55
N ALA B 166 -9.44 -26.90 8.46
CA ALA B 166 -9.13 -26.15 7.26
C ALA B 166 -8.60 -27.10 6.19
N LEU B 167 -9.09 -26.93 4.97
CA LEU B 167 -8.62 -27.76 3.87
C LEU B 167 -7.11 -27.76 3.75
N SER B 168 -6.49 -26.62 4.07
CA SER B 168 -5.04 -26.51 4.00
C SER B 168 -4.32 -27.51 4.89
N GLN B 169 -5.01 -28.12 5.85
CA GLN B 169 -4.36 -29.07 6.74
C GLN B 169 -4.33 -30.50 6.21
N ILE B 170 -5.11 -30.80 5.17
CA ILE B 170 -5.27 -32.16 4.68
C ILE B 170 -5.12 -32.28 3.17
N TYR B 171 -4.80 -31.18 2.48
CA TYR B 171 -4.89 -31.06 1.03
C TYR B 171 -3.50 -30.87 0.47
N LYS B 172 -3.15 -31.60 -0.58
CA LYS B 172 -1.84 -31.45 -1.24
C LYS B 172 -1.98 -31.60 -2.76
N ASP B 173 -1.67 -30.57 -3.55
CA ASP B 173 -1.57 -30.68 -5.01
C ASP B 173 -2.88 -31.18 -5.63
N GLY B 174 -3.97 -30.49 -5.30
CA GLY B 174 -5.26 -30.77 -5.88
C GLY B 174 -6.03 -31.91 -5.28
N LYS B 175 -5.67 -32.37 -4.07
CA LYS B 175 -6.28 -33.56 -3.50
C LYS B 175 -6.25 -33.53 -1.98
N VAL B 176 -7.31 -34.04 -1.35
CA VAL B 176 -7.19 -34.45 0.05
C VAL B 176 -6.25 -35.63 0.10
N ALA B 177 -5.24 -35.56 0.95
CA ALA B 177 -4.09 -36.45 0.88
C ALA B 177 -4.06 -37.47 1.99
N THR B 178 -5.05 -37.47 2.88
CA THR B 178 -4.97 -38.30 4.07
C THR B 178 -6.36 -38.46 4.69
N GLY B 179 -6.61 -39.65 5.24
CA GLY B 179 -7.85 -39.90 5.96
C GLY B 179 -9.07 -39.90 5.06
N SER B 180 -10.18 -39.43 5.60
CA SER B 180 -11.45 -39.34 4.88
C SER B 180 -12.05 -37.96 5.14
N ALA B 181 -12.61 -37.35 4.11
CA ALA B 181 -13.06 -35.96 4.23
C ALA B 181 -14.34 -35.74 3.45
N TRP B 182 -15.14 -34.78 3.92
CA TRP B 182 -16.28 -34.21 3.20
C TRP B 182 -16.03 -32.72 3.04
N ILE B 183 -16.07 -32.23 1.81
CA ILE B 183 -15.84 -30.82 1.55
C ILE B 183 -17.14 -30.09 1.87
N VAL B 184 -17.10 -29.22 2.89
CA VAL B 184 -18.29 -28.48 3.28
C VAL B 184 -18.65 -27.54 2.13
N PRO B 185 -19.83 -27.67 1.52
CA PRO B 185 -20.18 -26.75 0.43
C PRO B 185 -20.42 -25.34 0.93
N THR B 186 -20.01 -24.36 0.11
CA THR B 186 -19.89 -22.98 0.59
C THR B 186 -21.23 -22.38 1.00
N GLU B 187 -22.35 -22.87 0.45
CA GLU B 187 -23.64 -22.29 0.78
C GLU B 187 -23.99 -22.43 2.26
N LEU B 188 -23.30 -23.27 3.01
CA LEU B 188 -23.61 -23.50 4.41
C LEU B 188 -22.94 -22.50 5.34
N HIS B 189 -22.05 -21.66 4.84
CA HIS B 189 -21.33 -20.73 5.72
C HIS B 189 -20.86 -19.54 4.89
N ASP B 190 -20.49 -18.48 5.58
CA ASP B 190 -19.98 -17.30 4.89
C ASP B 190 -18.65 -17.66 4.22
N PRO B 191 -18.44 -17.27 2.96
CA PRO B 191 -17.16 -17.59 2.31
C PRO B 191 -15.99 -17.17 3.19
N ILE B 192 -14.97 -18.03 3.25
CA ILE B 192 -13.83 -17.83 4.14
C ILE B 192 -12.78 -16.97 3.45
N ARG B 193 -13.11 -15.70 3.27
CA ARG B 193 -12.22 -14.72 2.64
C ARG B 193 -11.18 -14.27 3.66
N GLN B 194 -9.90 -14.51 3.36
CA GLN B 194 -8.80 -14.25 4.30
C GLN B 194 -8.01 -13.04 3.80
N ASP B 195 -8.00 -11.98 4.59
CA ASP B 195 -7.43 -10.70 4.18
C ASP B 195 -6.15 -10.41 4.97
N ALA B 196 -5.20 -9.77 4.30
CA ALA B 196 -3.93 -9.37 4.89
C ALA B 196 -3.87 -7.86 4.99
N VAL B 197 -2.97 -7.36 5.85
CA VAL B 197 -2.92 -5.94 6.12
C VAL B 197 -1.57 -5.57 6.69
N ILE B 198 -1.09 -4.37 6.36
CA ILE B 198 0.10 -3.81 6.99
C ILE B 198 -0.35 -3.04 8.23
N LEU B 199 0.20 -3.39 9.38
CA LEU B 199 -0.15 -2.69 10.61
C LEU B 199 0.66 -1.42 10.74
N ASN B 200 0.20 -0.53 11.62
CA ASN B 200 0.87 0.75 11.82
C ASN B 200 2.37 0.57 12.01
N LYS B 201 2.77 -0.39 12.85
CA LYS B 201 4.19 -0.58 13.10
C LYS B 201 4.93 -1.14 11.90
N GLY B 202 4.22 -1.44 10.81
CA GLY B 202 4.84 -1.91 9.58
C GLY B 202 4.94 -0.84 8.52
N LYS B 203 4.32 0.31 8.76
CA LYS B 203 4.38 1.41 7.79
C LYS B 203 5.82 1.85 7.59
N ASP B 204 6.22 1.98 6.32
CA ASP B 204 7.58 2.36 5.93
C ASP B 204 8.61 1.33 6.37
N ASN B 205 8.20 0.08 6.56
CA ASN B 205 9.11 -1.02 6.84
C ASN B 205 9.34 -1.78 5.52
N ALA B 206 10.60 -1.87 5.10
CA ALA B 206 10.92 -2.40 3.78
C ALA B 206 10.49 -3.85 3.64
N ALA B 207 10.71 -4.67 4.67
CA ALA B 207 10.35 -6.08 4.58
C ALA B 207 8.85 -6.28 4.52
N ALA B 208 8.08 -5.43 5.20
CA ALA B 208 6.62 -5.58 5.20
C ALA B 208 6.03 -5.35 3.82
N LYS B 209 6.46 -4.27 3.14
CA LYS B 209 5.96 -4.02 1.78
C LYS B 209 6.39 -5.13 0.83
N ALA B 210 7.65 -5.58 0.96
CA ALA B 210 8.11 -6.69 0.14
C ALA B 210 7.22 -7.92 0.34
N LEU B 211 6.77 -8.13 1.58
CA LEU B 211 5.99 -9.33 1.88
C LEU B 211 4.63 -9.29 1.21
N VAL B 212 3.90 -8.17 1.36
CA VAL B 212 2.55 -8.12 0.79
C VAL B 212 2.62 -8.16 -0.73
N ASP B 213 3.64 -7.51 -1.32
CA ASP B 213 3.85 -7.63 -2.75
C ASP B 213 4.12 -9.08 -3.14
N TYR B 214 4.97 -9.77 -2.38
CA TYR B 214 5.28 -11.16 -2.70
C TYR B 214 4.03 -12.03 -2.63
N LEU B 215 3.19 -11.81 -1.63
CA LEU B 215 1.97 -12.60 -1.48
C LEU B 215 1.05 -12.45 -2.69
N LYS B 216 1.13 -11.33 -3.41
CA LYS B 216 0.35 -11.14 -4.63
C LYS B 216 1.04 -11.69 -5.87
N GLY B 217 2.23 -12.28 -5.73
CA GLY B 217 3.01 -12.66 -6.88
C GLY B 217 2.77 -14.10 -7.30
N ALA B 218 3.45 -14.48 -8.40
CA ALA B 218 3.17 -15.76 -9.04
C ALA B 218 3.68 -16.92 -8.19
N LYS B 219 4.87 -16.80 -7.61
CA LYS B 219 5.44 -17.88 -6.82
C LYS B 219 4.61 -18.14 -5.56
N ALA B 220 4.14 -17.07 -4.90
CA ALA B 220 3.28 -17.25 -3.74
C ALA B 220 1.94 -17.86 -4.13
N ALA B 221 1.37 -17.44 -5.26
CA ALA B 221 0.08 -17.94 -5.69
C ALA B 221 0.13 -19.44 -5.97
N ALA B 222 1.24 -19.92 -6.54
CA ALA B 222 1.36 -21.35 -6.80
C ALA B 222 1.42 -22.14 -5.50
N LEU B 223 2.17 -21.66 -4.52
CA LEU B 223 2.19 -22.32 -3.22
C LEU B 223 0.82 -22.24 -2.55
N ILE B 224 0.19 -21.07 -2.59
CA ILE B 224 -1.10 -20.91 -1.91
C ILE B 224 -2.15 -21.83 -2.53
N LYS B 225 -2.19 -21.90 -3.86
CA LYS B 225 -3.16 -22.79 -4.52
C LYS B 225 -2.80 -24.27 -4.32
N SER B 226 -1.52 -24.59 -4.09
CA SER B 226 -1.15 -25.98 -3.86
C SER B 226 -1.66 -26.49 -2.53
N TYR B 227 -2.10 -25.59 -1.65
CA TYR B 227 -2.65 -25.95 -0.35
C TYR B 227 -4.18 -25.94 -0.34
N GLY B 228 -4.81 -25.72 -1.48
CA GLY B 228 -6.25 -25.77 -1.58
C GLY B 228 -6.96 -24.44 -1.50
N TYR B 229 -6.22 -23.34 -1.32
CA TYR B 229 -6.83 -22.03 -1.34
C TYR B 229 -7.09 -21.59 -2.77
N GLU B 230 -8.09 -20.70 -2.94
CA GLU B 230 -8.41 -20.07 -4.25
C GLU B 230 -7.85 -18.64 -4.17
N LEU B 231 -7.70 -17.96 -5.30
CA LEU B 231 -7.22 -16.55 -5.37
C LEU B 231 -8.14 -15.74 -6.30
O1 CQ4 C . 5.65 25.10 -8.04
O2 CQ4 C . 5.75 24.87 -10.65
CR CQ4 C . 6.39 24.32 -9.24
O3 CQ4 C . 8.00 24.59 -9.15
O4 CQ4 C . 6.07 22.72 -9.07
N NH4 D . 24.64 17.21 0.62
HN1 NH4 D . 23.73 17.11 0.28
HN2 NH4 D . 25.27 17.20 -0.12
HN3 NH4 D . 24.71 18.06 1.10
HN4 NH4 D . 24.84 16.47 1.23
C1 GOL E . 21.13 13.07 -31.52
O1 GOL E . 20.17 12.15 -32.06
C2 GOL E . 20.44 14.32 -30.97
O2 GOL E . 21.44 15.19 -30.42
C3 GOL E . 19.59 15.05 -32.02
O3 GOL E . 20.44 15.63 -33.03
H11 GOL E . 21.79 13.33 -32.19
H12 GOL E . 21.64 12.65 -30.81
HO1 GOL E . 20.58 11.41 -32.19
H2 GOL E . 19.89 14.08 -30.22
HO2 GOL E . 21.97 14.72 -29.94
H31 GOL E . 19.03 15.70 -31.57
H32 GOL E . 18.99 14.43 -32.41
HO3 GOL E . 21.17 15.83 -32.64
C1 GOL F . 9.65 29.66 -4.22
O1 GOL F . 9.68 30.12 -5.57
C2 GOL F . 8.52 30.32 -3.44
O2 GOL F . 8.62 31.74 -3.53
C3 GOL F . 7.13 29.89 -3.90
O3 GOL F . 6.10 30.59 -3.20
H11 GOL F . 10.49 29.82 -3.76
H12 GOL F . 9.54 28.70 -4.18
HO1 GOL F . 9.33 30.90 -5.58
H2 GOL F . 8.63 30.13 -2.50
HO2 GOL F . 7.87 32.05 -3.77
H31 GOL F . 7.07 28.93 -3.79
H32 GOL F . 7.07 30.03 -4.85
HO3 GOL F . 6.29 30.55 -2.37
N NH4 G . 22.54 28.97 -4.06
HN1 NH4 G . 22.28 29.72 -4.66
HN2 NH4 G . 22.40 28.12 -4.52
HN3 NH4 G . 23.48 29.06 -3.81
HN4 NH4 G . 21.98 29.01 -3.25
C1 GOL H . 3.44 36.20 -13.74
O1 GOL H . 2.36 36.55 -12.87
C2 GOL H . 4.08 34.90 -13.31
O2 GOL H . 3.06 33.91 -13.17
C3 GOL H . 5.16 34.42 -14.24
O3 GOL H . 4.85 34.68 -15.61
H11 GOL H . 4.12 36.89 -13.77
H12 GOL H . 3.12 36.11 -14.65
HO1 GOL H . 1.76 35.97 -12.98
H2 GOL H . 4.44 35.00 -12.41
HO2 GOL H . 2.59 34.11 -12.50
H31 GOL H . 5.33 33.48 -14.07
H32 GOL H . 5.99 34.86 -14.00
HO3 GOL H . 5.00 33.96 -16.03
O1 CQ4 I . -7.91 -18.02 12.84
O2 CQ4 I . -9.51 -20.03 12.31
CR CQ4 I . -7.95 -19.61 12.52
O3 CQ4 I . -7.08 -19.91 11.18
O4 CQ4 I . -7.32 -20.39 13.83
C1 GOL J . -14.81 -22.66 -1.28
O1 GOL J . -15.15 -22.88 0.09
C2 GOL J . -14.20 -21.30 -1.51
O2 GOL J . -13.59 -21.26 -2.80
C3 GOL J . -15.21 -20.17 -1.41
O3 GOL J . -15.97 -20.03 -2.59
H11 GOL J . -15.58 -22.76 -1.86
H12 GOL J . -14.19 -23.34 -1.59
HO1 GOL J . -15.89 -22.49 0.22
H2 GOL J . -13.48 -21.15 -0.87
HO2 GOL J . -12.98 -21.85 -2.81
H31 GOL J . -14.73 -19.36 -1.16
H32 GOL J . -15.79 -20.34 -0.65
HO3 GOL J . -15.50 -20.35 -3.23
N NH4 K . -18.76 -31.73 -0.83
HN1 NH4 K . -19.05 -30.88 -0.45
HN2 NH4 K . -18.80 -31.69 -1.81
HN3 NH4 K . -17.85 -31.92 -0.55
HN4 NH4 K . -19.34 -32.45 -0.52
#